data_6BYQ
#
_entry.id   6BYQ
#
_cell.length_a   121.400
_cell.length_b   43.360
_cell.length_c   113.700
_cell.angle_alpha   90.000
_cell.angle_beta   121.210
_cell.angle_gamma   90.000
#
_symmetry.space_group_name_H-M   'C 1 2 1'
#
loop_
_entity.id
_entity.type
_entity.pdbx_description
1 polymer 'Tyrosine--tRNA ligase'
2 non-polymer 'ISOPROPYL ALCOHOL'
3 water water
#
_entity_poly.entity_id   1
_entity_poly.type   'polypeptide(L)'
_entity_poly.pdbx_seq_one_letter_code
;MAHHHHHHMEQKISVALKEIKRGANEIIGLEYIEKLVRKYYETNERFIVKAGFDPTAPDLHLGHTVLIQKLALLQQYGAR
VKFLIGDFTAMIGDPTGKNETRKPLNREQVLENAKTYEEQIYKILDQKHTEVCFNSTWLDALGAKGMIELCAKFSVARML
ERDDFAKRHKENRPISIVEFLYPLLQGYDSVAMGADIELGGNDQKFNLLVGRFLQRAYGLNKEQSIITMPLLEGLDGVQK
MSKSLGNYVGITEEPNAMFGKIMSVSDDLMWRYYTLLSAKTLEEIEDLKHGILNQTLHPKAVKEDLAGEIVARYYDNDQA
FKAKEQFSKVFSANLLPEILSESDFDEGVGILDVLKQIGFCPSTSQARRDIQGGGVKINQEVIKDESYRFVKGNYVIQLG
KKRFMKLNIN
;
_entity_poly.pdbx_strand_id   A
#
loop_
_chem_comp.id
_chem_comp.type
_chem_comp.name
_chem_comp.formula
IPA non-polymer 'ISOPROPYL ALCOHOL' 'C3 H8 O'
#
# COMPACT_ATOMS: atom_id res chain seq x y z
N HIS A 6 20.19 -11.93 23.15
CA HIS A 6 20.81 -10.70 22.64
C HIS A 6 19.86 -9.51 22.86
N HIS A 7 19.94 -8.91 24.06
CA HIS A 7 18.94 -7.95 24.50
C HIS A 7 18.77 -6.80 23.51
N HIS A 8 19.87 -6.33 22.93
CA HIS A 8 19.80 -5.18 22.04
C HIS A 8 18.96 -5.49 20.81
N MET A 9 19.23 -6.63 20.16
CA MET A 9 18.49 -7.01 18.96
C MET A 9 17.00 -7.18 19.25
N GLU A 10 16.68 -7.85 20.37
CA GLU A 10 15.28 -8.05 20.74
C GLU A 10 14.53 -6.72 20.83
N GLN A 11 15.19 -5.68 21.36
CA GLN A 11 14.58 -4.36 21.40
C GLN A 11 14.37 -3.82 20.00
N LYS A 12 15.38 -3.96 19.14
CA LYS A 12 15.25 -3.51 17.77
C LYS A 12 14.12 -4.23 17.06
N ILE A 13 14.01 -5.55 17.26
CA ILE A 13 12.95 -6.30 16.59
C ILE A 13 11.59 -5.90 17.15
N SER A 14 11.49 -5.73 18.47
CA SER A 14 10.20 -5.37 19.05
C SER A 14 9.69 -4.07 18.48
N VAL A 15 10.59 -3.08 18.34
CA VAL A 15 10.23 -1.79 17.74
C VAL A 15 9.85 -1.96 16.27
N ALA A 16 10.62 -2.76 15.53
CA ALA A 16 10.31 -2.96 14.10
C ALA A 16 8.90 -3.52 13.93
N LEU A 17 8.51 -4.46 14.77
CA LEU A 17 7.18 -5.06 14.65
C LEU A 17 6.08 -4.03 14.91
N LYS A 18 6.28 -3.16 15.90
CA LYS A 18 5.27 -2.14 16.20
C LYS A 18 5.14 -1.15 15.04
N GLU A 19 6.25 -0.73 14.45
CA GLU A 19 6.16 0.18 13.32
C GLU A 19 5.48 -0.49 12.13
N ILE A 20 5.73 -1.78 11.93
CA ILE A 20 5.13 -2.49 10.80
C ILE A 20 3.60 -2.61 10.98
N LYS A 21 3.15 -2.93 12.20
CA LYS A 21 1.72 -2.98 12.51
C LYS A 21 1.07 -1.60 12.54
N ARG A 22 1.86 -0.54 12.67
CA ARG A 22 1.32 0.81 12.85
C ARG A 22 0.37 1.16 11.70
N GLY A 23 -0.85 1.57 12.06
CA GLY A 23 -1.85 1.98 11.09
C GLY A 23 -2.52 0.86 10.32
N ALA A 24 -2.07 -0.38 10.42
CA ALA A 24 -2.66 -1.43 9.59
C ALA A 24 -3.99 -1.86 10.16
N ASN A 25 -4.88 -2.35 9.29
CA ASN A 25 -6.13 -2.89 9.80
C ASN A 25 -5.92 -4.30 10.32
N GLU A 26 -5.09 -5.07 9.65
CA GLU A 26 -4.92 -6.46 10.00
C GLU A 26 -3.64 -6.95 9.36
N ILE A 27 -2.92 -7.79 10.07
CA ILE A 27 -1.77 -8.49 9.55
C ILE A 27 -2.01 -9.99 9.69
N ILE A 28 -1.82 -10.73 8.59
CA ILE A 28 -1.82 -12.18 8.62
C ILE A 28 -0.38 -12.63 8.37
N GLY A 29 0.17 -13.42 9.29
CA GLY A 29 1.55 -13.90 9.11
C GLY A 29 2.63 -13.03 9.75
N LEU A 30 2.35 -12.39 10.89
CA LEU A 30 3.37 -11.54 11.53
C LEU A 30 4.61 -12.35 11.92
N GLU A 31 4.46 -13.62 12.28
CA GLU A 31 5.62 -14.44 12.62
C GLU A 31 6.57 -14.58 11.45
N TYR A 32 6.05 -14.84 10.25
CA TYR A 32 6.94 -14.91 9.10
C TYR A 32 7.59 -13.56 8.85
N ILE A 33 6.84 -12.46 8.99
CA ILE A 33 7.44 -11.13 8.82
C ILE A 33 8.57 -10.93 9.84
N GLU A 34 8.35 -11.34 11.09
CA GLU A 34 9.39 -11.25 12.10
C GLU A 34 10.62 -12.05 11.70
N LYS A 35 10.42 -13.24 11.15
CA LYS A 35 11.55 -14.06 10.74
C LYS A 35 12.33 -13.39 9.62
N LEU A 36 11.65 -12.74 8.69
CA LEU A 36 12.34 -12.09 7.59
C LEU A 36 13.09 -10.85 8.08
N VAL A 37 12.50 -10.10 9.03
CA VAL A 37 13.20 -8.92 9.54
C VAL A 37 14.47 -9.32 10.27
N ARG A 38 14.41 -10.38 11.10
CA ARG A 38 15.62 -10.83 11.79
C ARG A 38 16.65 -11.30 10.79
N LYS A 39 16.22 -12.00 9.74
CA LYS A 39 17.18 -12.48 8.75
C LYS A 39 17.87 -11.31 8.07
N TYR A 40 17.09 -10.26 7.75
CA TYR A 40 17.66 -9.05 7.16
C TYR A 40 18.71 -8.43 8.08
N TYR A 41 18.39 -8.31 9.37
CA TYR A 41 19.38 -7.77 10.31
C TYR A 41 20.57 -8.70 10.44
N GLU A 42 20.34 -10.01 10.37
CA GLU A 42 21.43 -10.95 10.54
C GLU A 42 22.30 -11.06 9.29
N THR A 43 21.72 -10.94 8.10
CA THR A 43 22.43 -11.29 6.87
C THR A 43 22.40 -10.23 5.79
N ASN A 44 21.65 -9.15 5.96
CA ASN A 44 21.39 -8.14 4.94
C ASN A 44 20.58 -8.68 3.76
N GLU A 45 19.98 -9.87 3.85
CA GLU A 45 19.21 -10.40 2.73
C GLU A 45 17.83 -9.77 2.71
N ARG A 46 17.46 -9.20 1.58
CA ARG A 46 16.16 -8.55 1.51
C ARG A 46 15.07 -9.55 1.19
N PHE A 47 13.82 -9.18 1.55
CA PHE A 47 12.65 -9.98 1.24
C PHE A 47 11.71 -9.19 0.35
N ILE A 48 10.76 -9.90 -0.27
CA ILE A 48 10.01 -9.37 -1.40
C ILE A 48 8.63 -8.91 -0.96
N VAL A 49 8.33 -7.64 -1.19
CA VAL A 49 7.05 -7.06 -0.83
C VAL A 49 6.31 -6.63 -2.09
N LYS A 50 5.08 -7.12 -2.23
CA LYS A 50 4.27 -6.93 -3.43
C LYS A 50 3.15 -5.95 -3.13
N ALA A 51 2.95 -4.99 -4.03
CA ALA A 51 1.78 -4.13 -3.96
C ALA A 51 1.37 -3.75 -5.38
N GLY A 52 0.07 -3.78 -5.63
CA GLY A 52 -0.47 -3.65 -6.98
C GLY A 52 -1.14 -2.29 -7.13
N PHE A 53 -1.00 -1.69 -8.30
CA PHE A 53 -1.47 -0.33 -8.50
C PHE A 53 -2.25 -0.22 -9.80
N ASP A 54 -3.19 0.72 -9.79
CA ASP A 54 -4.10 1.02 -10.89
C ASP A 54 -3.32 1.52 -12.09
N PRO A 55 -3.26 0.75 -13.17
CA PRO A 55 -2.59 1.24 -14.39
C PRO A 55 -3.23 2.47 -14.99
N THR A 56 -4.50 2.72 -14.73
CA THR A 56 -5.23 3.76 -15.45
C THR A 56 -5.16 5.13 -14.75
N ALA A 57 -5.26 5.17 -13.42
CA ALA A 57 -5.45 6.43 -12.71
C ALA A 57 -4.27 6.75 -11.80
N PRO A 58 -3.29 7.53 -12.26
CA PRO A 58 -2.21 7.99 -11.37
C PRO A 58 -2.32 9.42 -10.87
N ASP A 59 -3.46 10.10 -11.04
CA ASP A 59 -3.66 11.39 -10.40
C ASP A 59 -3.84 11.17 -8.89
N LEU A 60 -2.83 11.51 -8.11
CA LEU A 60 -2.70 11.02 -6.74
C LEU A 60 -2.96 12.11 -5.72
N HIS A 61 -3.68 11.75 -4.65
CA HIS A 61 -3.78 12.53 -3.43
C HIS A 61 -3.16 11.74 -2.29
N LEU A 62 -3.16 12.34 -1.09
CA LEU A 62 -2.45 11.75 0.04
C LEU A 62 -2.99 10.37 0.38
N GLY A 63 -4.29 10.15 0.17
CA GLY A 63 -4.86 8.83 0.44
C GLY A 63 -4.19 7.74 -0.37
N HIS A 64 -3.78 8.05 -1.60
CA HIS A 64 -3.09 7.06 -2.42
C HIS A 64 -1.72 6.71 -1.88
N THR A 65 -1.13 7.58 -1.05
CA THR A 65 0.23 7.39 -0.57
C THR A 65 0.32 6.55 0.70
N VAL A 66 -0.81 6.28 1.34
CA VAL A 66 -0.79 5.59 2.65
C VAL A 66 -0.13 4.22 2.50
N LEU A 67 -0.50 3.48 1.47
CA LEU A 67 0.08 2.17 1.28
C LEU A 67 1.55 2.29 0.88
N ILE A 68 1.86 3.30 0.07
CA ILE A 68 3.24 3.53 -0.35
C ILE A 68 4.12 3.85 0.85
N GLN A 69 3.58 4.60 1.82
CA GLN A 69 4.34 4.89 3.02
CA GLN A 69 4.33 4.89 3.03
C GLN A 69 4.64 3.61 3.80
N LYS A 70 3.70 2.67 3.87
CA LYS A 70 4.00 1.42 4.55
C LYS A 70 5.07 0.63 3.81
N LEU A 71 5.06 0.71 2.47
CA LEU A 71 6.12 0.09 1.67
C LEU A 71 7.49 0.72 1.98
N ALA A 72 7.56 2.06 2.10
CA ALA A 72 8.82 2.70 2.47
C ALA A 72 9.30 2.29 3.86
N LEU A 73 8.37 2.21 4.82
CA LEU A 73 8.70 1.70 6.16
C LEU A 73 9.27 0.29 6.09
N LEU A 74 8.62 -0.58 5.31
CA LEU A 74 9.11 -1.95 5.18
C LEU A 74 10.51 -2.01 4.56
N GLN A 75 10.85 -1.07 3.67
CA GLN A 75 12.20 -1.04 3.13
C GLN A 75 13.23 -0.75 4.22
N GLN A 76 12.85 0.00 5.26
CA GLN A 76 13.76 0.22 6.36
C GLN A 76 14.14 -1.09 7.03
N TYR A 77 13.24 -2.06 6.98
CA TYR A 77 13.43 -3.33 7.67
C TYR A 77 13.79 -4.45 6.73
N GLY A 78 14.22 -4.13 5.50
CA GLY A 78 14.77 -5.12 4.61
C GLY A 78 13.89 -5.49 3.43
N ALA A 79 12.83 -4.73 3.19
CA ALA A 79 11.97 -5.03 2.05
C ALA A 79 12.61 -4.56 0.75
N ARG A 80 12.52 -5.41 -0.26
CA ARG A 80 12.70 -5.03 -1.65
C ARG A 80 11.29 -4.94 -2.22
N VAL A 81 10.93 -3.80 -2.80
CA VAL A 81 9.54 -3.53 -3.15
C VAL A 81 9.31 -3.83 -4.62
N LYS A 82 8.26 -4.59 -4.92
CA LYS A 82 7.84 -4.84 -6.30
C LYS A 82 6.55 -4.06 -6.51
N PHE A 83 6.66 -2.92 -7.19
CA PHE A 83 5.56 -2.02 -7.47
C PHE A 83 4.89 -2.54 -8.74
N LEU A 84 3.80 -3.27 -8.58
CA LEU A 84 3.22 -4.06 -9.66
C LEU A 84 2.11 -3.29 -10.36
N ILE A 85 2.30 -3.00 -11.64
CA ILE A 85 1.24 -2.42 -12.45
C ILE A 85 0.50 -3.57 -13.12
N GLY A 86 -0.81 -3.63 -12.90
CA GLY A 86 -1.61 -4.70 -13.46
C GLY A 86 -2.07 -4.37 -14.88
N ASP A 87 -1.15 -4.37 -15.84
CA ASP A 87 -1.50 -4.00 -17.21
C ASP A 87 -2.21 -5.11 -17.97
N PHE A 88 -2.09 -6.36 -17.52
CA PHE A 88 -2.68 -7.46 -18.27
C PHE A 88 -4.19 -7.30 -18.38
N THR A 89 -4.86 -7.06 -17.24
CA THR A 89 -6.32 -6.85 -17.31
C THR A 89 -6.67 -5.49 -17.88
N ALA A 90 -5.84 -4.47 -17.61
CA ALA A 90 -6.10 -3.15 -18.17
C ALA A 90 -6.06 -3.17 -19.68
N MET A 91 -5.20 -3.99 -20.29
CA MET A 91 -5.12 -4.04 -21.75
C MET A 91 -6.15 -4.97 -22.35
N ILE A 92 -6.98 -5.60 -21.54
CA ILE A 92 -8.14 -6.34 -22.03
C ILE A 92 -9.42 -5.53 -21.90
N GLY A 93 -9.61 -4.89 -20.75
CA GLY A 93 -10.79 -4.07 -20.51
C GLY A 93 -11.92 -4.82 -19.85
N THR A 101 -16.61 2.88 -19.13
CA THR A 101 -15.81 3.37 -18.01
C THR A 101 -14.45 2.67 -17.94
N ARG A 102 -14.41 1.41 -18.37
CA ARG A 102 -13.19 0.61 -18.35
C ARG A 102 -12.85 0.19 -19.78
N LYS A 103 -12.51 1.17 -20.62
CA LYS A 103 -12.04 0.89 -21.95
C LYS A 103 -10.61 0.35 -21.91
N PRO A 104 -10.18 -0.38 -22.93
CA PRO A 104 -8.86 -1.02 -22.88
C PRO A 104 -7.73 -0.04 -23.15
N LEU A 105 -6.63 -0.21 -22.41
CA LEU A 105 -5.42 0.56 -22.61
C LEU A 105 -4.50 -0.13 -23.59
N ASN A 106 -3.69 0.66 -24.29
CA ASN A 106 -2.65 0.13 -25.16
C ASN A 106 -1.31 0.21 -24.45
N ARG A 107 -0.31 -0.49 -25.02
CA ARG A 107 1.00 -0.57 -24.38
C ARG A 107 1.59 0.81 -24.12
N GLU A 108 1.47 1.71 -25.10
CA GLU A 108 2.06 3.04 -24.96
C GLU A 108 1.45 3.78 -23.79
N GLN A 109 0.14 3.62 -23.57
CA GLN A 109 -0.50 4.25 -22.42
C GLN A 109 -0.01 3.64 -21.12
N VAL A 110 0.12 2.31 -21.09
CA VAL A 110 0.62 1.64 -19.90
C VAL A 110 1.98 2.20 -19.50
N LEU A 111 2.88 2.32 -20.49
CA LEU A 111 4.21 2.84 -20.19
C LEU A 111 4.15 4.29 -19.76
N GLU A 112 3.30 5.10 -20.41
CA GLU A 112 3.16 6.49 -20.01
C GLU A 112 2.71 6.61 -18.57
N ASN A 113 1.72 5.79 -18.16
CA ASN A 113 1.20 5.87 -16.80
C ASN A 113 2.23 5.38 -15.79
N ALA A 114 3.01 4.36 -16.14
CA ALA A 114 4.08 3.91 -15.26
C ALA A 114 5.12 5.02 -15.07
N LYS A 115 5.50 5.66 -16.17
CA LYS A 115 6.38 6.82 -16.07
C LYS A 115 5.80 7.88 -15.15
N THR A 116 4.48 8.12 -15.25
CA THR A 116 3.83 9.09 -14.38
C THR A 116 3.94 8.68 -12.92
N TYR A 117 3.73 7.39 -12.61
CA TYR A 117 3.93 6.93 -11.24
C TYR A 117 5.34 7.22 -10.77
N GLU A 118 6.33 7.03 -11.65
CA GLU A 118 7.72 7.16 -11.24
C GLU A 118 8.14 8.60 -11.06
N GLU A 119 7.38 9.57 -11.59
CA GLU A 119 7.62 10.96 -11.24
C GLU A 119 7.37 11.26 -9.76
N GLN A 120 6.70 10.35 -9.04
CA GLN A 120 6.36 10.64 -7.65
C GLN A 120 6.82 9.57 -6.66
N ILE A 121 6.64 8.28 -6.96
CA ILE A 121 6.73 7.26 -5.92
C ILE A 121 8.10 7.26 -5.25
N TYR A 122 9.15 7.66 -5.97
CA TYR A 122 10.47 7.69 -5.37
C TYR A 122 10.70 8.91 -4.47
N LYS A 123 9.70 9.79 -4.34
CA LYS A 123 9.71 10.74 -3.23
C LYS A 123 9.33 10.06 -1.93
N ILE A 124 8.72 8.88 -1.99
CA ILE A 124 8.34 8.10 -0.82
C ILE A 124 9.22 6.87 -0.67
N LEU A 125 9.34 6.08 -1.74
CA LEU A 125 10.08 4.84 -1.70
C LEU A 125 11.56 5.06 -1.94
N ASP A 126 12.35 4.12 -1.46
CA ASP A 126 13.77 4.04 -1.76
C ASP A 126 13.94 3.41 -3.15
N GLN A 127 14.24 4.25 -4.14
CA GLN A 127 14.32 3.79 -5.52
C GLN A 127 15.30 2.64 -5.69
N LYS A 128 16.39 2.63 -4.91
CA LYS A 128 17.38 1.55 -5.03
C LYS A 128 16.80 0.19 -4.67
N HIS A 129 15.76 0.14 -3.85
CA HIS A 129 15.19 -1.15 -3.48
C HIS A 129 13.74 -1.24 -3.93
N THR A 130 13.48 -0.71 -5.13
CA THR A 130 12.17 -0.72 -5.75
C THR A 130 12.30 -1.21 -7.17
N GLU A 131 11.32 -1.98 -7.60
CA GLU A 131 11.29 -2.46 -8.96
C GLU A 131 9.85 -2.35 -9.44
N VAL A 132 9.66 -1.68 -10.57
CA VAL A 132 8.36 -1.59 -11.22
C VAL A 132 8.19 -2.79 -12.14
N CYS A 133 7.09 -3.51 -11.96
CA CYS A 133 6.80 -4.74 -12.69
C CYS A 133 5.46 -4.58 -13.42
N PHE A 134 5.31 -5.34 -14.49
CA PHE A 134 4.05 -5.43 -15.23
C PHE A 134 3.63 -6.89 -15.29
N ASN A 135 2.39 -7.19 -14.88
CA ASN A 135 2.08 -8.62 -14.82
C ASN A 135 1.81 -9.24 -16.19
N SER A 136 1.66 -8.44 -17.24
CA SER A 136 1.60 -9.00 -18.58
C SER A 136 2.86 -9.79 -18.92
N THR A 137 3.97 -9.52 -18.23
CA THR A 137 5.22 -10.20 -18.49
C THR A 137 5.06 -11.71 -18.37
N TRP A 138 4.54 -12.17 -17.23
CA TRP A 138 4.29 -13.60 -17.06
C TRP A 138 2.88 -14.01 -17.45
N LEU A 139 1.92 -13.09 -17.46
CA LEU A 139 0.56 -13.52 -17.74
C LEU A 139 0.32 -13.74 -19.23
N ASP A 140 1.05 -13.03 -20.12
CA ASP A 140 0.99 -13.34 -21.54
C ASP A 140 1.51 -14.73 -21.82
N ALA A 141 2.42 -15.23 -21.00
CA ALA A 141 3.04 -16.52 -21.24
C ALA A 141 2.25 -17.65 -20.62
N LEU A 142 1.23 -17.32 -19.83
CA LEU A 142 0.47 -18.35 -19.13
C LEU A 142 -0.20 -19.31 -20.11
N GLY A 143 -0.79 -18.79 -21.18
CA GLY A 143 -1.45 -19.62 -22.18
C GLY A 143 -2.78 -20.14 -21.68
N ALA A 144 -3.59 -20.74 -22.54
CA ALA A 144 -4.84 -21.33 -22.06
C ALA A 144 -4.56 -22.47 -21.09
N LYS A 145 -3.50 -23.22 -21.34
CA LYS A 145 -3.15 -24.34 -20.47
C LYS A 145 -2.75 -23.84 -19.08
N GLY A 146 -1.97 -22.77 -19.01
CA GLY A 146 -1.65 -22.20 -17.71
C GLY A 146 -2.90 -21.76 -16.96
N MET A 147 -3.85 -21.14 -17.67
CA MET A 147 -5.11 -20.75 -17.04
C MET A 147 -5.84 -21.97 -16.48
N ILE A 148 -5.85 -23.06 -17.23
CA ILE A 148 -6.50 -24.28 -16.77
C ILE A 148 -5.86 -24.79 -15.49
N GLU A 149 -4.53 -24.88 -15.49
CA GLU A 149 -3.80 -25.34 -14.32
C GLU A 149 -4.01 -24.41 -13.14
N LEU A 150 -4.10 -23.10 -13.39
CA LEU A 150 -4.41 -22.18 -12.29
C LEU A 150 -5.79 -22.46 -11.71
N CYS A 151 -6.82 -22.59 -12.56
CA CYS A 151 -8.18 -22.75 -12.08
C CYS A 151 -8.41 -24.09 -11.42
N ALA A 152 -7.61 -25.11 -11.74
CA ALA A 152 -7.74 -26.39 -11.06
C ALA A 152 -7.33 -26.31 -9.59
N LYS A 153 -6.75 -25.21 -9.14
CA LYS A 153 -6.22 -25.16 -7.78
C LYS A 153 -7.16 -24.51 -6.78
N PHE A 154 -8.35 -24.05 -7.21
CA PHE A 154 -9.22 -23.24 -6.37
C PHE A 154 -10.65 -23.71 -6.54
N SER A 155 -11.40 -23.69 -5.45
CA SER A 155 -12.75 -24.23 -5.46
C SER A 155 -13.76 -23.13 -5.73
N VAL A 156 -14.91 -23.55 -6.28
CA VAL A 156 -16.05 -22.66 -6.48
C VAL A 156 -16.59 -22.17 -5.13
N ALA A 157 -16.74 -23.06 -4.15
CA ALA A 157 -17.33 -22.66 -2.87
C ALA A 157 -16.49 -21.57 -2.19
N ARG A 158 -15.17 -21.76 -2.11
CA ARG A 158 -14.35 -20.70 -1.52
C ARG A 158 -14.51 -19.40 -2.29
N MET A 159 -14.59 -19.47 -3.62
CA MET A 159 -14.68 -18.24 -4.40
C MET A 159 -15.97 -17.48 -4.11
N LEU A 160 -17.09 -18.19 -3.99
CA LEU A 160 -18.36 -17.54 -3.66
C LEU A 160 -18.43 -17.01 -2.22
N GLU A 161 -17.35 -17.10 -1.45
CA GLU A 161 -17.32 -16.52 -0.11
C GLU A 161 -16.77 -15.10 -0.08
N ARG A 162 -16.16 -14.63 -1.16
CA ARG A 162 -15.87 -13.21 -1.24
C ARG A 162 -17.16 -12.41 -1.14
N ASP A 163 -17.09 -11.28 -0.43
CA ASP A 163 -18.30 -10.64 0.09
C ASP A 163 -19.27 -10.25 -1.02
N ASP A 164 -18.78 -9.58 -2.05
CA ASP A 164 -19.64 -9.18 -3.17
C ASP A 164 -20.22 -10.39 -3.90
N PHE A 165 -19.44 -11.48 -4.04
CA PHE A 165 -19.99 -12.66 -4.71
C PHE A 165 -21.10 -13.29 -3.89
N ALA A 166 -20.88 -13.45 -2.57
CA ALA A 166 -21.91 -14.04 -1.71
C ALA A 166 -23.22 -13.26 -1.77
N LYS A 167 -23.14 -11.92 -1.71
CA LYS A 167 -24.35 -11.11 -1.73
C LYS A 167 -25.06 -11.25 -3.08
N ARG A 168 -24.30 -11.16 -4.17
CA ARG A 168 -24.89 -11.26 -5.50
C ARG A 168 -25.44 -12.66 -5.76
N HIS A 169 -24.69 -13.69 -5.34
CA HIS A 169 -25.20 -15.06 -5.46
C HIS A 169 -26.49 -15.22 -4.67
N LYS A 170 -26.52 -14.74 -3.43
CA LYS A 170 -27.75 -14.83 -2.63
C LYS A 170 -28.88 -14.06 -3.27
N GLU A 171 -28.62 -12.84 -3.75
CA GLU A 171 -29.64 -12.00 -4.36
C GLU A 171 -29.96 -12.39 -5.80
N ASN A 172 -29.49 -13.53 -6.29
CA ASN A 172 -29.78 -13.99 -7.65
C ASN A 172 -29.45 -12.91 -8.68
N ARG A 173 -28.27 -12.32 -8.52
CA ARG A 173 -27.74 -11.29 -9.41
C ARG A 173 -26.57 -11.84 -10.23
N PRO A 174 -26.38 -11.36 -11.46
CA PRO A 174 -25.37 -11.96 -12.36
C PRO A 174 -23.95 -11.82 -11.85
N ILE A 175 -23.24 -12.95 -11.84
CA ILE A 175 -21.80 -13.01 -11.64
C ILE A 175 -21.21 -13.68 -12.87
N SER A 176 -20.38 -12.96 -13.60
CA SER A 176 -19.75 -13.53 -14.78
C SER A 176 -18.59 -14.40 -14.36
N ILE A 177 -18.39 -15.51 -15.07
CA ILE A 177 -17.33 -16.44 -14.67
C ILE A 177 -15.96 -15.79 -14.75
N VAL A 178 -15.78 -14.81 -15.63
CA VAL A 178 -14.50 -14.11 -15.68
C VAL A 178 -14.20 -13.44 -14.34
N GLU A 179 -15.22 -13.05 -13.57
CA GLU A 179 -14.95 -12.47 -12.26
C GLU A 179 -14.26 -13.44 -11.32
N PHE A 180 -14.40 -14.75 -11.56
CA PHE A 180 -13.65 -15.73 -10.79
C PHE A 180 -12.16 -15.74 -11.18
N LEU A 181 -11.82 -15.28 -12.38
CA LEU A 181 -10.44 -15.35 -12.83
C LEU A 181 -9.56 -14.25 -12.24
N TYR A 182 -10.12 -13.06 -12.01
CA TYR A 182 -9.30 -11.93 -11.58
C TYR A 182 -8.61 -12.20 -10.25
N PRO A 183 -9.28 -12.62 -9.18
CA PRO A 183 -8.54 -12.93 -7.95
C PRO A 183 -7.54 -14.05 -8.14
N LEU A 184 -7.83 -15.03 -9.00
CA LEU A 184 -6.85 -16.08 -9.23
C LEU A 184 -5.60 -15.54 -9.92
N LEU A 185 -5.80 -14.62 -10.88
CA LEU A 185 -4.65 -13.99 -11.54
C LEU A 185 -3.85 -13.13 -10.56
N GLN A 186 -4.53 -12.38 -9.68
CA GLN A 186 -3.80 -11.61 -8.68
C GLN A 186 -3.00 -12.54 -7.77
N GLY A 187 -3.62 -13.64 -7.34
CA GLY A 187 -2.89 -14.63 -6.57
C GLY A 187 -1.72 -15.23 -7.35
N TYR A 188 -1.91 -15.45 -8.65
CA TYR A 188 -0.81 -16.02 -9.43
C TYR A 188 0.37 -15.05 -9.50
N ASP A 189 0.10 -13.75 -9.62
CA ASP A 189 1.15 -12.75 -9.54
C ASP A 189 2.06 -12.98 -8.34
N SER A 190 1.47 -13.25 -7.17
CA SER A 190 2.27 -13.55 -5.98
C SER A 190 3.12 -14.79 -6.18
N VAL A 191 2.57 -15.80 -6.86
CA VAL A 191 3.35 -16.99 -7.19
C VAL A 191 4.51 -16.61 -8.08
N ALA A 192 4.24 -15.88 -9.16
CA ALA A 192 5.31 -15.65 -10.13
C ALA A 192 6.39 -14.77 -9.54
N MET A 193 5.98 -13.81 -8.72
CA MET A 193 6.89 -12.85 -8.08
C MET A 193 7.55 -13.40 -6.82
N GLY A 194 7.14 -14.56 -6.32
CA GLY A 194 7.68 -15.07 -5.05
C GLY A 194 7.50 -14.11 -3.89
N ALA A 195 6.34 -13.46 -3.81
CA ALA A 195 6.13 -12.45 -2.77
C ALA A 195 6.19 -13.07 -1.38
N ASP A 196 6.79 -12.34 -0.47
CA ASP A 196 6.84 -12.65 0.94
C ASP A 196 5.81 -11.88 1.74
N ILE A 197 5.46 -10.68 1.29
CA ILE A 197 4.38 -9.89 1.87
C ILE A 197 3.62 -9.25 0.72
N GLU A 198 2.30 -9.20 0.82
CA GLU A 198 1.48 -8.42 -0.09
C GLU A 198 0.67 -7.42 0.72
N LEU A 199 0.68 -6.16 0.30
CA LEU A 199 -0.12 -5.10 0.91
C LEU A 199 -1.32 -4.79 0.04
N GLY A 200 -2.42 -4.44 0.69
CA GLY A 200 -3.57 -4.00 -0.07
C GLY A 200 -4.48 -3.21 0.84
N GLY A 201 -5.65 -2.81 0.28
CA GLY A 201 -6.65 -2.13 1.06
C GLY A 201 -7.49 -3.07 1.90
N ASN A 202 -8.22 -2.48 2.85
CA ASN A 202 -9.00 -3.29 3.79
C ASN A 202 -10.04 -4.14 3.10
N ASP A 203 -10.60 -3.66 2.01
CA ASP A 203 -11.57 -4.45 1.26
C ASP A 203 -10.93 -5.57 0.48
N GLN A 204 -9.60 -5.66 0.45
CA GLN A 204 -8.90 -6.59 -0.45
C GLN A 204 -8.47 -7.89 0.23
N LYS A 205 -8.87 -8.12 1.47
CA LYS A 205 -8.33 -9.23 2.25
C LYS A 205 -8.47 -10.54 1.50
N PHE A 206 -9.69 -10.85 1.06
CA PHE A 206 -9.94 -12.09 0.33
C PHE A 206 -8.97 -12.25 -0.81
N ASN A 207 -8.75 -11.18 -1.58
CA ASN A 207 -7.87 -11.29 -2.74
C ASN A 207 -6.43 -11.47 -2.31
N LEU A 208 -6.03 -10.81 -1.22
CA LEU A 208 -4.65 -10.99 -0.77
C LEU A 208 -4.44 -12.42 -0.31
N LEU A 209 -5.49 -13.05 0.24
CA LEU A 209 -5.37 -14.42 0.74
C LEU A 209 -5.22 -15.40 -0.41
N VAL A 210 -5.70 -15.06 -1.60
CA VAL A 210 -5.60 -15.99 -2.72
C VAL A 210 -4.13 -16.29 -3.03
N GLY A 211 -3.29 -15.25 -3.07
CA GLY A 211 -1.89 -15.46 -3.40
C GLY A 211 -1.22 -16.34 -2.37
N ARG A 212 -1.59 -16.15 -1.12
CA ARG A 212 -1.02 -16.94 -0.04
C ARG A 212 -1.46 -18.40 -0.15
N PHE A 213 -2.72 -18.65 -0.51
CA PHE A 213 -3.13 -20.03 -0.74
C PHE A 213 -2.48 -20.60 -2.00
N LEU A 214 -2.42 -19.83 -3.07
CA LEU A 214 -1.89 -20.36 -4.32
C LEU A 214 -0.39 -20.63 -4.25
N GLN A 215 0.35 -19.90 -3.41
CA GLN A 215 1.79 -20.17 -3.34
C GLN A 215 2.03 -21.57 -2.80
N ARG A 216 1.25 -21.96 -1.79
CA ARG A 216 1.31 -23.33 -1.29
CA ARG A 216 1.32 -23.33 -1.30
C ARG A 216 0.91 -24.32 -2.38
N ALA A 217 -0.22 -24.08 -3.03
CA ALA A 217 -0.72 -25.00 -4.05
C ALA A 217 0.28 -25.18 -5.20
N TYR A 218 1.03 -24.14 -5.56
CA TYR A 218 2.05 -24.33 -6.59
C TYR A 218 3.36 -24.88 -6.03
N GLY A 219 3.38 -25.35 -4.79
CA GLY A 219 4.58 -25.99 -4.28
C GLY A 219 5.68 -25.06 -3.83
N LEU A 220 5.38 -23.78 -3.60
CA LEU A 220 6.41 -22.93 -3.01
C LEU A 220 6.60 -23.31 -1.53
N ASN A 221 7.78 -23.01 -1.01
CA ASN A 221 8.14 -23.36 0.35
C ASN A 221 7.63 -22.36 1.36
N LYS A 222 6.68 -21.52 0.98
CA LYS A 222 6.34 -20.36 1.78
C LYS A 222 4.96 -19.89 1.39
N GLU A 223 4.41 -18.99 2.19
CA GLU A 223 3.14 -18.34 1.88
C GLU A 223 3.25 -16.89 2.34
N GLN A 224 2.88 -15.97 1.45
CA GLN A 224 3.02 -14.55 1.74
C GLN A 224 2.23 -14.16 2.99
N SER A 225 2.85 -13.35 3.86
CA SER A 225 2.06 -12.59 4.82
C SER A 225 1.27 -11.50 4.11
N ILE A 226 0.23 -10.98 4.76
CA ILE A 226 -0.53 -9.91 4.15
C ILE A 226 -0.78 -8.81 5.18
N ILE A 227 -0.82 -7.58 4.67
CA ILE A 227 -1.15 -6.39 5.45
C ILE A 227 -2.25 -5.65 4.72
N THR A 228 -3.32 -5.30 5.44
CA THR A 228 -4.34 -4.41 4.89
C THR A 228 -4.25 -3.04 5.57
N MET A 229 -4.32 -1.96 4.75
CA MET A 229 -4.29 -0.58 5.21
C MET A 229 -5.66 0.08 5.06
N PRO A 230 -6.05 0.96 5.99
CA PRO A 230 -7.34 1.66 5.85
C PRO A 230 -7.26 2.73 4.77
N LEU A 231 -8.43 3.28 4.46
CA LEU A 231 -8.50 4.46 3.63
C LEU A 231 -8.23 5.70 4.48
N LEU A 232 -7.54 6.68 3.89
CA LEU A 232 -7.25 7.91 4.60
C LEU A 232 -8.51 8.77 4.72
N GLU A 233 -8.73 9.34 5.90
CA GLU A 233 -9.83 10.29 6.04
C GLU A 233 -9.54 11.56 5.27
N GLY A 234 -10.60 12.14 4.70
CA GLY A 234 -10.47 13.44 4.08
C GLY A 234 -10.24 14.52 5.11
N LEU A 235 -9.94 15.72 4.62
CA LEU A 235 -9.71 16.85 5.52
C LEU A 235 -10.90 17.12 6.42
N ASP A 236 -12.11 16.70 6.00
CA ASP A 236 -13.29 16.88 6.84
C ASP A 236 -13.22 15.96 8.06
N GLY A 237 -12.78 14.72 7.87
CA GLY A 237 -12.65 13.78 8.96
C GLY A 237 -13.73 12.73 9.07
N VAL A 238 -14.71 12.75 8.17
CA VAL A 238 -15.79 11.76 8.21
C VAL A 238 -15.98 11.04 6.88
N GLN A 239 -15.59 11.62 5.75
CA GLN A 239 -15.61 10.92 4.48
C GLN A 239 -14.18 10.54 4.10
N LYS A 240 -14.03 9.36 3.51
CA LYS A 240 -12.72 8.98 3.00
C LYS A 240 -12.26 9.98 1.95
N MET A 241 -10.96 10.25 1.93
CA MET A 241 -10.41 11.24 1.01
C MET A 241 -10.70 10.84 -0.43
N SER A 242 -11.27 11.78 -1.19
CA SER A 242 -11.66 11.52 -2.57
C SER A 242 -11.62 12.80 -3.37
N LYS A 243 -11.00 12.74 -4.55
CA LYS A 243 -11.07 13.87 -5.48
C LYS A 243 -12.52 14.26 -5.75
N SER A 244 -13.41 13.27 -5.77
CA SER A 244 -14.83 13.54 -5.94
C SER A 244 -15.36 14.39 -4.78
N LEU A 245 -15.19 13.92 -3.55
CA LEU A 245 -15.74 14.61 -2.39
C LEU A 245 -15.11 15.96 -2.12
N GLY A 246 -14.07 16.34 -2.88
CA GLY A 246 -13.42 17.62 -2.65
C GLY A 246 -12.74 17.76 -1.31
N ASN A 247 -12.33 16.64 -0.69
CA ASN A 247 -11.66 16.64 0.59
C ASN A 247 -10.20 16.18 0.50
N TYR A 248 -9.65 16.15 -0.71
CA TYR A 248 -8.34 15.58 -0.99
C TYR A 248 -7.22 16.62 -0.81
N VAL A 249 -6.00 16.12 -0.79
CA VAL A 249 -4.78 16.94 -0.85
C VAL A 249 -3.92 16.37 -1.96
N GLY A 250 -3.88 17.06 -3.09
CA GLY A 250 -3.14 16.54 -4.23
C GLY A 250 -1.64 16.60 -4.00
N ILE A 251 -0.96 15.53 -4.42
CA ILE A 251 0.48 15.43 -4.22
C ILE A 251 1.23 16.47 -5.06
N THR A 252 0.63 16.97 -6.12
CA THR A 252 1.27 17.96 -6.97
C THR A 252 0.78 19.38 -6.72
N GLU A 253 -0.11 19.57 -5.75
CA GLU A 253 -0.64 20.90 -5.49
C GLU A 253 0.47 21.82 -5.01
N GLU A 254 0.29 23.12 -5.27
CA GLU A 254 1.35 24.08 -4.96
C GLU A 254 1.62 24.08 -3.47
N PRO A 255 2.88 24.30 -3.06
CA PRO A 255 3.24 24.16 -1.64
C PRO A 255 2.36 24.95 -0.70
N ASN A 256 2.28 26.28 -0.90
CA ASN A 256 1.47 27.12 -0.02
C ASN A 256 0.05 26.58 0.10
N ALA A 257 -0.55 26.14 -1.01
CA ALA A 257 -1.88 25.56 -0.95
C ALA A 257 -1.85 24.22 -0.22
N MET A 258 -0.91 23.34 -0.59
CA MET A 258 -0.79 22.06 0.11
C MET A 258 -0.60 22.26 1.61
N PHE A 259 0.24 23.22 1.99
CA PHE A 259 0.46 23.49 3.40
C PHE A 259 -0.83 23.95 4.08
N GLY A 260 -1.60 24.82 3.42
CA GLY A 260 -2.81 25.33 4.03
C GLY A 260 -3.90 24.28 4.12
N LYS A 261 -3.98 23.39 3.13
CA LYS A 261 -4.96 22.32 3.18
C LYS A 261 -4.76 21.45 4.42
N ILE A 262 -3.51 21.10 4.70
CA ILE A 262 -3.23 20.27 5.87
C ILE A 262 -3.57 21.00 7.15
N MET A 263 -3.45 22.34 7.15
CA MET A 263 -3.82 23.12 8.33
C MET A 263 -5.31 23.04 8.63
N SER A 264 -6.13 22.68 7.66
CA SER A 264 -7.57 22.62 7.89
C SER A 264 -7.95 21.57 8.92
N VAL A 265 -7.14 20.51 9.05
CA VAL A 265 -7.57 19.33 9.79
C VAL A 265 -7.73 19.64 11.28
N SER A 266 -8.61 18.88 11.93
CA SER A 266 -8.76 18.97 13.37
C SER A 266 -7.53 18.38 14.06
N ASP A 267 -7.47 18.56 15.38
CA ASP A 267 -6.33 18.03 16.12
C ASP A 267 -6.35 16.51 16.15
N ASP A 268 -7.53 15.91 16.30
CA ASP A 268 -7.62 14.46 16.27
C ASP A 268 -7.19 13.91 14.92
N LEU A 269 -7.59 14.58 13.84
CA LEU A 269 -7.21 14.13 12.51
C LEU A 269 -5.71 14.30 12.28
N MET A 270 -5.09 15.26 12.97
CA MET A 270 -3.66 15.45 12.83
C MET A 270 -2.89 14.21 13.26
N TRP A 271 -3.26 13.63 14.40
CA TRP A 271 -2.58 12.43 14.87
C TRP A 271 -2.80 11.27 13.90
N ARG A 272 -4.02 11.14 13.38
CA ARG A 272 -4.31 10.10 12.39
C ARG A 272 -3.39 10.23 11.19
N TYR A 273 -3.25 11.45 10.67
CA TYR A 273 -2.31 11.71 9.58
C TYR A 273 -0.88 11.42 10.01
N TYR A 274 -0.54 11.71 11.26
CA TYR A 274 0.77 11.32 11.77
C TYR A 274 0.95 9.81 11.67
N THR A 275 0.01 9.04 12.23
CA THR A 275 0.11 7.57 12.17
C THR A 275 0.37 7.09 10.73
N LEU A 276 -0.39 7.60 9.77
CA LEU A 276 -0.40 7.02 8.43
C LEU A 276 0.52 7.70 7.44
N LEU A 277 0.91 8.96 7.68
CA LEU A 277 1.68 9.68 6.68
C LEU A 277 3.08 10.11 7.13
N SER A 278 3.34 10.17 8.43
CA SER A 278 4.55 10.83 8.91
C SER A 278 5.70 9.85 9.02
N ALA A 279 6.91 10.36 8.72
CA ALA A 279 8.12 9.57 8.91
C ALA A 279 8.56 9.51 10.37
N LYS A 280 7.95 10.28 11.25
CA LYS A 280 8.29 10.19 12.67
C LYS A 280 7.89 8.83 13.24
N THR A 281 8.65 8.38 14.24
CA THR A 281 8.45 7.07 14.84
C THR A 281 7.29 7.12 15.83
N LEU A 282 6.85 5.93 16.22
CA LEU A 282 5.81 5.84 17.24
C LEU A 282 6.25 6.54 18.52
N GLU A 283 7.52 6.36 18.90
CA GLU A 283 8.02 7.00 20.11
C GLU A 283 8.02 8.52 19.97
N GLU A 284 8.50 9.03 18.82
CA GLU A 284 8.51 10.47 18.61
C GLU A 284 7.10 11.06 18.64
N ILE A 285 6.14 10.35 18.05
CA ILE A 285 4.76 10.83 18.09
C ILE A 285 4.24 10.83 19.53
N GLU A 286 4.60 9.81 20.31
CA GLU A 286 4.20 9.77 21.71
C GLU A 286 4.71 11.00 22.45
N ASP A 287 5.93 11.44 22.12
CA ASP A 287 6.45 12.66 22.74
C ASP A 287 5.65 13.88 22.35
N LEU A 288 5.17 13.93 21.10
CA LEU A 288 4.39 15.09 20.66
C LEU A 288 3.08 15.18 21.43
N LYS A 289 2.41 14.05 21.65
CA LYS A 289 1.16 14.06 22.42
C LYS A 289 1.40 14.40 23.89
N HIS A 290 2.61 14.12 24.39
CA HIS A 290 2.94 14.46 25.77
C HIS A 290 3.18 15.95 25.93
N GLY A 291 4.03 16.53 25.07
CA GLY A 291 4.34 17.94 25.18
C GLY A 291 3.15 18.85 24.93
N ILE A 292 2.23 18.44 24.05
CA ILE A 292 1.02 19.22 23.84
C ILE A 292 0.16 19.21 25.10
N LEU A 293 0.19 18.12 25.84
CA LEU A 293 -0.56 18.04 27.10
C LEU A 293 0.21 18.61 28.27
N ASN A 294 1.54 18.41 28.31
CA ASN A 294 2.37 19.06 29.31
C ASN A 294 2.55 20.55 29.04
N GLN A 295 1.94 21.08 27.98
CA GLN A 295 2.03 22.49 27.59
C GLN A 295 3.46 22.92 27.28
N THR A 296 4.32 21.97 26.91
CA THR A 296 5.66 22.28 26.43
C THR A 296 5.71 22.49 24.92
N LEU A 297 4.66 22.08 24.21
CA LEU A 297 4.55 22.30 22.77
C LEU A 297 3.17 22.87 22.47
N HIS A 298 3.11 23.78 21.51
CA HIS A 298 1.75 24.17 21.14
C HIS A 298 1.26 23.30 20.00
N PRO A 299 -0.02 22.90 20.03
CA PRO A 299 -0.52 22.02 18.95
C PRO A 299 -0.43 22.66 17.57
N LYS A 300 -0.47 23.99 17.47
CA LYS A 300 -0.34 24.64 16.18
C LYS A 300 1.02 24.35 15.55
N ALA A 301 2.09 24.44 16.34
CA ALA A 301 3.41 24.11 15.82
C ALA A 301 3.54 22.63 15.47
N VAL A 302 2.75 21.77 16.13
CA VAL A 302 2.76 20.37 15.77
C VAL A 302 2.06 20.17 14.42
N LYS A 303 0.90 20.81 14.24
CA LYS A 303 0.23 20.74 12.94
C LYS A 303 1.08 21.38 11.84
N GLU A 304 1.87 22.41 12.20
CA GLU A 304 2.77 23.01 11.22
C GLU A 304 3.94 22.08 10.89
N ASP A 305 4.46 21.37 11.88
CA ASP A 305 5.54 20.41 11.61
C ASP A 305 5.07 19.35 10.63
N LEU A 306 3.84 18.88 10.78
CA LEU A 306 3.28 17.87 9.88
C LEU A 306 3.10 18.43 8.48
N ALA A 307 2.43 19.59 8.37
CA ALA A 307 2.25 20.23 7.07
C ALA A 307 3.58 20.43 6.37
N GLY A 308 4.57 20.97 7.09
CA GLY A 308 5.90 21.13 6.52
C GLY A 308 6.51 19.83 6.04
N GLU A 309 6.28 18.74 6.78
CA GLU A 309 6.86 17.45 6.38
C GLU A 309 6.27 16.97 5.06
N ILE A 310 4.98 17.17 4.86
CA ILE A 310 4.34 16.70 3.63
C ILE A 310 4.73 17.59 2.46
N VAL A 311 4.85 18.90 2.69
CA VAL A 311 5.29 19.79 1.61
C VAL A 311 6.75 19.51 1.27
N ALA A 312 7.60 19.28 2.27
CA ALA A 312 8.99 18.95 2.00
C ALA A 312 9.14 17.58 1.33
N ARG A 313 8.19 16.68 1.54
CA ARG A 313 8.29 15.38 0.89
C ARG A 313 8.14 15.51 -0.62
N TYR A 314 7.18 16.31 -1.06
CA TYR A 314 6.89 16.43 -2.48
C TYR A 314 7.55 17.63 -3.11
N TYR A 315 8.19 18.48 -2.31
CA TYR A 315 9.04 19.55 -2.81
C TYR A 315 10.38 19.51 -2.07
N ASP A 316 10.64 20.48 -1.20
CA ASP A 316 11.87 20.47 -0.42
C ASP A 316 11.68 21.30 0.85
N ASN A 317 12.71 21.29 1.70
CA ASN A 317 12.66 21.99 2.98
C ASN A 317 12.46 23.48 2.79
N ASP A 318 13.28 24.09 1.94
CA ASP A 318 13.19 25.54 1.73
C ASP A 318 11.80 25.92 1.25
N GLN A 319 11.28 25.22 0.24
CA GLN A 319 9.93 25.53 -0.24
C GLN A 319 8.88 25.22 0.82
N ALA A 320 9.21 24.40 1.82
CA ALA A 320 8.29 24.07 2.88
C ALA A 320 8.27 25.11 3.99
N PHE A 321 9.33 25.89 4.14
CA PHE A 321 9.31 27.02 5.07
C PHE A 321 8.47 28.16 4.50
N LYS A 322 8.59 28.43 3.20
CA LYS A 322 7.87 29.54 2.59
C LYS A 322 6.37 29.32 2.65
N ALA A 323 5.92 28.07 2.58
CA ALA A 323 4.49 27.80 2.63
C ALA A 323 3.90 28.14 3.99
N LYS A 324 4.66 27.86 5.05
CA LYS A 324 4.21 28.23 6.40
C LYS A 324 4.07 29.73 6.54
N GLU A 325 5.08 30.48 6.10
CA GLU A 325 5.05 31.93 6.13
C GLU A 325 4.00 32.47 5.16
C1 IPA B . 12.60 -14.69 -0.08
C2 IPA B . 13.24 -14.11 1.19
C3 IPA B . 13.34 -15.15 2.30
O2 IPA B . 14.52 -13.54 0.89
#